data_9KWL
#
_entry.id   9KWL
#
_cell.length_a   110.469
_cell.length_b   110.469
_cell.length_c   278.259
_cell.angle_alpha   90.00
_cell.angle_beta   90.00
_cell.angle_gamma   120.00
#
_symmetry.space_group_name_H-M   'H 3 2'
#
loop_
_entity.id
_entity.type
_entity.pdbx_description
1 polymer 'Liver carboxylesterase 1'
2 non-polymer (1R)-1-(3,4-dichlorophenyl)-2,2,2-tris(fluoranyl)ethanol
3 non-polymer 'MAGNESIUM ION'
4 water water
#
_entity_poly.entity_id   1
_entity_poly.type   'polypeptide(L)'
_entity_poly.pdbx_seq_one_letter_code
;SSPPVVDTVHGKVLGKFVSLEGFAQPVAIFLGIPFAKPPLGPLRFTPPQPAEPWSFVKNATSYPPMCTQDPKAGQLLSEL
FTNRKENIPLKLSEDCLYLNIYTPADLTKKNRLPVMVWIHGGGLMVGAASTYDGLALAAHENVVVVTIQYRLGIWGFFST
GDEHSRGNWGHLDQVAALRWVQDNIASFGGNPGSVTIFGESAGGESVSVLVLSPLAKNLFHRAISESGVALTSVLVKKGD
VKPLAEQIAITAGCKTTTSAVMVHCLRQKTEEELLETTLKMKFLSLDLQGDPRESQPLLGTVIDGMLLLKTPEELQAERN
FHTVPYMVGINKQEFGWLIPQMLMSYPLSEGQLDQKTAMSLLWKSYPLVCIAKELIPEATEKYLGGTDDTVKKKDLFLDL
IADVMFGVPSVIVARNHRDAGAPTYMYEFQYRPSFSSDMKPKTVIGDHGDELFSVFGAPFLKEGASEEEIRLSKMVMKFW
ANFARNGNPNGEGLPHWPEYNQKEGYLQIGANTQAAQKLKDKEVAFWTNLFAK
;
_entity_poly.pdbx_strand_id   A
#
# COMPACT_ATOMS: atom_id res chain seq x y z
N SER A 1 -16.48 -8.94 -31.28
CA SER A 1 -17.69 -9.53 -30.73
C SER A 1 -18.34 -8.62 -29.68
N SER A 2 -19.52 -9.00 -29.20
CA SER A 2 -20.37 -8.09 -28.43
C SER A 2 -19.76 -7.75 -27.06
N PRO A 3 -19.62 -6.46 -26.72
CA PRO A 3 -18.96 -6.11 -25.46
C PRO A 3 -19.72 -6.63 -24.28
N PRO A 4 -19.02 -6.98 -23.19
CA PRO A 4 -19.72 -7.60 -22.04
C PRO A 4 -20.54 -6.59 -21.25
N VAL A 5 -21.75 -7.01 -20.85
CA VAL A 5 -22.66 -6.21 -20.05
C VAL A 5 -23.06 -7.03 -18.82
N VAL A 6 -22.84 -6.45 -17.63
CA VAL A 6 -23.01 -7.15 -16.37
C VAL A 6 -24.04 -6.40 -15.52
N ASP A 7 -24.92 -7.15 -14.86
CA ASP A 7 -25.88 -6.58 -13.93
C ASP A 7 -25.27 -6.51 -12.53
N THR A 8 -25.24 -5.32 -11.94
CA THR A 8 -24.84 -5.14 -10.57
C THR A 8 -26.05 -4.65 -9.77
N VAL A 9 -25.92 -4.69 -8.46
CA VAL A 9 -26.98 -4.28 -7.55
C VAL A 9 -27.55 -2.92 -7.95
N HIS A 10 -26.67 -1.98 -8.32
CA HIS A 10 -27.09 -0.63 -8.63
C HIS A 10 -27.37 -0.37 -10.11
N GLY A 11 -27.13 -1.33 -10.98
CA GLY A 11 -27.44 -1.14 -12.39
C GLY A 11 -26.48 -1.90 -13.29
N LYS A 12 -26.75 -1.80 -14.59
CA LYS A 12 -25.96 -2.51 -15.58
C LYS A 12 -24.71 -1.74 -15.96
N VAL A 13 -23.61 -2.47 -16.20
CA VAL A 13 -22.36 -1.84 -16.62
C VAL A 13 -21.86 -2.50 -17.88
N LEU A 14 -21.26 -1.72 -18.75
CA LEU A 14 -20.70 -2.16 -20.01
C LEU A 14 -19.18 -2.06 -19.94
N GLY A 15 -18.50 -3.16 -20.22
CA GLY A 15 -17.05 -3.14 -20.21
C GLY A 15 -16.47 -3.33 -21.59
N LYS A 16 -15.26 -3.89 -21.67
CA LYS A 16 -14.65 -4.13 -22.97
C LYS A 16 -13.79 -5.39 -22.89
N PHE A 17 -13.61 -6.05 -24.04
CA PHE A 17 -12.74 -7.23 -24.12
C PHE A 17 -11.33 -6.82 -24.49
N VAL A 18 -10.35 -7.44 -23.84
CA VAL A 18 -8.95 -7.24 -24.20
C VAL A 18 -8.28 -8.61 -24.20
N SER A 19 -7.68 -8.97 -25.33
CA SER A 19 -7.00 -10.25 -25.46
C SER A 19 -5.53 -10.10 -25.11
N LEU A 20 -5.01 -11.11 -24.44
CA LEU A 20 -3.58 -11.25 -24.19
C LEU A 20 -3.12 -12.40 -25.07
N GLU A 21 -2.15 -12.15 -25.93
CA GLU A 21 -1.74 -13.16 -26.90
C GLU A 21 -1.44 -14.48 -26.20
N GLY A 22 -1.98 -15.57 -26.76
CA GLY A 22 -1.79 -16.91 -26.19
C GLY A 22 -2.92 -17.39 -25.31
N PHE A 23 -3.82 -16.50 -24.89
CA PHE A 23 -4.96 -16.87 -24.05
C PHE A 23 -6.23 -16.77 -24.89
N ALA A 24 -6.96 -17.89 -24.99
CA ALA A 24 -8.11 -17.95 -25.89
C ALA A 24 -9.22 -17.02 -25.43
N GLN A 25 -9.49 -16.99 -24.15
CA GLN A 25 -10.60 -16.20 -23.61
C GLN A 25 -10.13 -14.77 -23.37
N PRO A 26 -10.68 -13.77 -24.06
CA PRO A 26 -10.34 -12.39 -23.73
C PRO A 26 -10.74 -12.05 -22.30
N VAL A 27 -10.02 -11.11 -21.72
CA VAL A 27 -10.33 -10.64 -20.38
C VAL A 27 -11.37 -9.53 -20.51
N ALA A 28 -12.42 -9.60 -19.70
CA ALA A 28 -13.43 -8.55 -19.64
C ALA A 28 -12.99 -7.50 -18.62
N ILE A 29 -12.88 -6.26 -19.06
CA ILE A 29 -12.33 -5.17 -18.26
C ILE A 29 -13.40 -4.10 -18.06
N PHE A 30 -13.57 -3.68 -16.80
CA PHE A 30 -14.57 -2.68 -16.43
C PHE A 30 -13.85 -1.59 -15.66
N LEU A 31 -13.82 -0.38 -16.23
CA LEU A 31 -13.05 0.73 -15.69
C LEU A 31 -13.98 1.75 -15.08
N GLY A 32 -13.71 2.15 -13.84
CA GLY A 32 -14.44 3.25 -13.23
C GLY A 32 -15.85 2.89 -12.80
N ILE A 33 -15.99 1.76 -12.11
CA ILE A 33 -17.26 1.44 -11.45
C ILE A 33 -17.32 2.16 -10.11
N PRO A 34 -18.34 2.98 -9.85
CA PRO A 34 -18.44 3.63 -8.53
C PRO A 34 -18.85 2.63 -7.47
N PHE A 35 -18.20 2.70 -6.31
CA PHE A 35 -18.61 1.88 -5.18
C PHE A 35 -19.18 2.71 -4.04
N ALA A 36 -19.24 4.03 -4.19
CA ALA A 36 -19.82 4.91 -3.18
C ALA A 36 -20.39 6.14 -3.88
N LYS A 37 -21.12 6.93 -3.12
CA LYS A 37 -21.53 8.23 -3.59
C LYS A 37 -20.32 9.16 -3.62
N PRO A 38 -20.18 10.00 -4.64
CA PRO A 38 -19.02 10.91 -4.68
C PRO A 38 -18.97 11.78 -3.45
N PRO A 39 -17.82 11.80 -2.74
CA PRO A 39 -17.75 12.45 -1.41
C PRO A 39 -17.50 13.95 -1.51
N LEU A 40 -18.48 14.65 -2.07
CA LEU A 40 -18.39 16.06 -2.40
C LEU A 40 -19.16 16.90 -1.38
N GLY A 41 -18.77 18.16 -1.27
CA GLY A 41 -19.50 19.12 -0.45
C GLY A 41 -19.57 18.73 1.01
N PRO A 42 -20.79 18.61 1.54
CA PRO A 42 -20.94 18.19 2.95
C PRO A 42 -20.45 16.76 3.23
N LEU A 43 -20.28 15.92 2.20
CA LEU A 43 -19.80 14.57 2.42
C LEU A 43 -18.29 14.51 2.63
N ARG A 44 -17.58 15.62 2.45
CA ARG A 44 -16.16 15.64 2.75
C ARG A 44 -15.95 15.42 4.25
N PHE A 45 -14.94 14.62 4.58
CA PHE A 45 -14.62 14.23 5.97
C PHE A 45 -15.78 13.49 6.64
N THR A 46 -16.51 12.69 5.87
CA THR A 46 -17.55 11.82 6.40
C THR A 46 -17.37 10.42 5.83
N PRO A 47 -17.99 9.41 6.44
CA PRO A 47 -17.88 8.05 5.89
C PRO A 47 -18.51 7.95 4.52
N PRO A 48 -18.02 7.05 3.68
CA PRO A 48 -18.61 6.88 2.34
C PRO A 48 -20.04 6.37 2.45
N GLN A 49 -20.91 6.92 1.61
CA GLN A 49 -22.28 6.46 1.52
C GLN A 49 -22.46 5.59 0.28
N PRO A 50 -23.47 4.72 0.25
CA PRO A 50 -23.65 3.85 -0.91
C PRO A 50 -23.89 4.64 -2.18
N ALA A 51 -23.43 4.09 -3.30
CA ALA A 51 -23.67 4.70 -4.61
C ALA A 51 -25.16 4.72 -4.91
N GLU A 52 -25.58 5.79 -5.55
CA GLU A 52 -26.95 5.84 -5.99
C GLU A 52 -27.14 4.97 -7.24
N PRO A 53 -28.27 4.32 -7.35
CA PRO A 53 -28.57 3.46 -8.49
C PRO A 53 -28.77 4.19 -9.79
N TRP A 54 -28.47 3.55 -10.90
CA TRP A 54 -28.64 4.17 -12.18
C TRP A 54 -29.47 3.41 -13.18
N SER A 55 -30.20 4.14 -13.97
CA SER A 55 -30.98 3.55 -15.03
C SER A 55 -30.12 3.20 -16.27
N PHE A 56 -30.56 2.27 -17.06
CA PHE A 56 -29.88 1.96 -18.31
C PHE A 56 -28.46 1.38 -18.11
N VAL A 57 -27.61 1.57 -19.09
CA VAL A 57 -26.31 0.94 -18.97
C VAL A 57 -25.19 1.93 -18.84
N LYS A 58 -24.39 1.75 -17.78
CA LYS A 58 -23.26 2.62 -17.54
C LYS A 58 -22.05 2.14 -18.28
N ASN A 59 -21.40 3.07 -18.92
CA ASN A 59 -20.28 2.73 -19.67
C ASN A 59 -19.05 2.74 -18.78
N ALA A 60 -18.44 1.60 -18.62
CA ALA A 60 -17.30 1.46 -17.73
C ALA A 60 -16.07 1.13 -18.56
N THR A 61 -15.71 2.05 -19.45
CA THR A 61 -14.60 1.79 -20.35
C THR A 61 -13.60 2.96 -20.38
N SER A 62 -13.69 3.89 -19.43
CA SER A 62 -12.72 4.98 -19.28
C SER A 62 -12.11 4.94 -17.88
N TYR A 63 -10.81 5.18 -17.79
CA TYR A 63 -10.16 5.21 -16.47
C TYR A 63 -10.79 6.31 -15.61
N PRO A 64 -11.02 6.06 -14.33
CA PRO A 64 -11.56 7.11 -13.45
C PRO A 64 -10.50 8.14 -13.10
N PRO A 65 -10.90 9.32 -12.60
CA PRO A 65 -9.91 10.23 -12.02
C PRO A 65 -9.19 9.56 -10.87
N MET A 66 -7.99 10.03 -10.57
CA MET A 66 -7.39 9.69 -9.29
C MET A 66 -7.79 10.72 -8.25
N CYS A 67 -7.72 10.31 -6.97
CA CYS A 67 -8.14 11.20 -5.89
C CYS A 67 -7.19 12.38 -5.82
N THR A 68 -7.72 13.54 -5.44
CA THR A 68 -6.92 14.76 -5.46
C THR A 68 -5.61 14.56 -4.69
N GLN A 69 -4.52 15.01 -5.30
CA GLN A 69 -3.18 14.75 -4.77
C GLN A 69 -2.21 15.64 -5.55
N ASP A 70 -1.00 15.76 -5.03
CA ASP A 70 0.10 16.42 -5.69
C ASP A 70 0.25 15.77 -7.06
N PRO A 71 -0.09 16.46 -8.16
CA PRO A 71 -0.11 15.79 -9.48
C PRO A 71 1.26 15.40 -9.96
N LYS A 72 2.30 16.13 -9.57
CA LYS A 72 3.64 15.79 -10.01
C LYS A 72 4.14 14.52 -9.32
N ALA A 73 4.03 14.48 -7.98
CA ALA A 73 4.42 13.27 -7.26
C ALA A 73 3.52 12.09 -7.62
N GLY A 74 2.23 12.35 -7.83
CA GLY A 74 1.34 11.27 -8.24
C GLY A 74 1.71 10.69 -9.60
N GLN A 75 1.98 11.56 -10.58
CA GLN A 75 2.38 11.06 -11.90
C GLN A 75 3.71 10.35 -11.84
N LEU A 76 4.66 10.89 -11.07
CA LEU A 76 5.96 10.23 -10.92
C LEU A 76 5.81 8.83 -10.34
N LEU A 77 5.08 8.69 -9.23
CA LEU A 77 4.89 7.37 -8.65
C LEU A 77 4.19 6.43 -9.63
N SER A 78 3.18 6.92 -10.36
CA SER A 78 2.54 6.08 -11.36
C SER A 78 3.55 5.58 -12.39
N GLU A 79 4.41 6.47 -12.90
CA GLU A 79 5.42 6.07 -13.87
C GLU A 79 6.40 5.06 -13.29
N LEU A 80 6.78 5.23 -12.01
CA LEU A 80 7.75 4.32 -11.41
C LEU A 80 7.17 2.94 -11.13
N PHE A 81 5.86 2.86 -10.87
CA PHE A 81 5.23 1.62 -10.40
C PHE A 81 4.38 0.91 -11.46
N THR A 82 4.03 1.55 -12.56
CA THR A 82 3.09 0.93 -13.49
C THR A 82 3.71 -0.28 -14.17
N ASN A 83 2.88 -1.27 -14.46
CA ASN A 83 3.31 -2.46 -15.15
C ASN A 83 3.01 -2.40 -16.63
N ARG A 84 2.31 -1.38 -17.04
CA ARG A 84 1.99 -1.14 -18.43
C ARG A 84 3.17 -0.62 -19.26
N LYS A 85 3.12 -0.82 -20.58
CA LYS A 85 4.17 -0.27 -21.45
C LYS A 85 4.25 1.25 -21.40
N GLU A 86 3.12 1.92 -21.42
CA GLU A 86 3.14 3.37 -21.28
C GLU A 86 2.27 3.81 -20.11
N ASN A 87 2.78 4.74 -19.30
CA ASN A 87 1.99 5.26 -18.20
C ASN A 87 0.80 6.05 -18.75
N ILE A 88 -0.35 5.90 -18.12
CA ILE A 88 -1.57 6.59 -18.53
C ILE A 88 -1.72 7.86 -17.69
N PRO A 89 -1.77 9.04 -18.29
CA PRO A 89 -2.04 10.24 -17.52
C PRO A 89 -3.46 10.22 -16.97
N LEU A 90 -3.63 10.69 -15.74
CA LEU A 90 -4.93 10.65 -15.10
C LEU A 90 -5.34 12.04 -14.66
N LYS A 91 -6.65 12.29 -14.68
CA LYS A 91 -7.22 13.51 -14.11
C LYS A 91 -7.29 13.40 -12.59
N LEU A 92 -7.26 14.56 -11.93
CA LEU A 92 -7.50 14.66 -10.49
C LEU A 92 -8.97 14.98 -10.24
N SER A 93 -9.54 14.39 -9.20
CA SER A 93 -10.87 14.82 -8.76
C SER A 93 -11.14 14.34 -7.34
N GLU A 94 -11.95 15.11 -6.61
CA GLU A 94 -12.54 14.58 -5.38
C GLU A 94 -13.53 13.46 -5.66
N ASP A 95 -14.07 13.42 -6.88
CA ASP A 95 -14.96 12.34 -7.32
C ASP A 95 -14.07 11.19 -7.80
N CYS A 96 -13.64 10.34 -6.85
CA CYS A 96 -12.65 9.33 -7.19
C CYS A 96 -12.91 7.96 -6.58
N LEU A 97 -14.08 7.73 -5.97
CA LEU A 97 -14.32 6.44 -5.29
C LEU A 97 -14.80 5.45 -6.34
N TYR A 98 -13.82 4.91 -7.07
CA TYR A 98 -14.07 4.00 -8.18
C TYR A 98 -13.20 2.77 -8.01
N LEU A 99 -13.59 1.70 -8.67
CA LEU A 99 -12.74 0.52 -8.79
C LEU A 99 -12.77 0.02 -10.23
N ASN A 100 -11.74 -0.75 -10.55
CA ASN A 100 -11.53 -1.32 -11.87
C ASN A 100 -11.51 -2.84 -11.72
N ILE A 101 -12.09 -3.55 -12.69
CA ILE A 101 -12.23 -5.01 -12.61
C ILE A 101 -11.67 -5.66 -13.86
N TYR A 102 -10.83 -6.67 -13.67
CA TYR A 102 -10.22 -7.47 -14.74
C TYR A 102 -10.66 -8.90 -14.47
N THR A 103 -11.63 -9.41 -15.25
CA THR A 103 -12.07 -10.78 -15.01
C THR A 103 -11.76 -11.66 -16.21
N PRO A 104 -11.05 -12.77 -16.02
CA PRO A 104 -10.76 -13.68 -17.12
C PRO A 104 -11.88 -14.68 -17.39
N ALA A 105 -12.95 -14.63 -16.59
CA ALA A 105 -14.04 -15.59 -16.72
C ALA A 105 -14.81 -15.33 -18.01
N ASP A 106 -15.30 -16.43 -18.60
CA ASP A 106 -16.23 -16.32 -19.72
C ASP A 106 -17.58 -15.99 -19.11
N LEU A 107 -18.02 -14.75 -19.30
CA LEU A 107 -19.18 -14.27 -18.57
C LEU A 107 -20.49 -14.87 -19.10
N THR A 108 -20.44 -15.58 -20.23
CA THR A 108 -21.62 -16.31 -20.70
C THR A 108 -21.80 -17.64 -19.98
N LYS A 109 -20.87 -17.94 -19.09
CA LYS A 109 -20.95 -19.17 -18.34
C LYS A 109 -20.95 -18.84 -16.90
N LYS A 110 -20.98 -19.85 -16.07
CA LYS A 110 -21.02 -19.64 -14.64
C LYS A 110 -19.62 -19.84 -14.05
N ASN A 111 -19.16 -18.87 -13.26
CA ASN A 111 -17.82 -18.94 -12.68
C ASN A 111 -17.74 -18.39 -11.27
N ARG A 112 -16.90 -18.98 -10.44
CA ARG A 112 -16.65 -18.48 -9.08
C ARG A 112 -15.13 -18.50 -8.84
N LEU A 113 -14.43 -17.59 -9.45
CA LEU A 113 -12.98 -17.52 -9.39
C LEU A 113 -12.54 -16.77 -8.13
N PRO A 114 -11.35 -17.07 -7.61
CA PRO A 114 -10.84 -16.29 -6.48
C PRO A 114 -10.69 -14.84 -6.90
N VAL A 115 -10.88 -13.95 -5.92
CA VAL A 115 -10.84 -12.51 -6.15
C VAL A 115 -9.64 -11.94 -5.42
N MET A 116 -8.92 -11.05 -6.05
CA MET A 116 -7.69 -10.44 -5.56
C MET A 116 -7.92 -8.95 -5.64
N VAL A 117 -8.05 -8.28 -4.48
CA VAL A 117 -8.38 -6.86 -4.39
C VAL A 117 -7.11 -6.10 -4.03
N TRP A 118 -6.64 -5.27 -4.95
CA TRP A 118 -5.41 -4.52 -4.80
C TRP A 118 -5.64 -3.12 -4.22
N ILE A 119 -4.85 -2.82 -3.19
CA ILE A 119 -4.89 -1.54 -2.57
C ILE A 119 -3.53 -0.85 -2.83
N HIS A 120 -3.57 0.20 -3.61
CA HIS A 120 -2.37 0.88 -3.98
C HIS A 120 -1.64 1.61 -2.90
N GLY A 121 -0.32 1.76 -3.07
CA GLY A 121 0.52 2.52 -2.19
C GLY A 121 0.62 4.03 -2.52
N GLY A 122 1.55 4.75 -1.92
CA GLY A 122 1.59 6.19 -2.05
C GLY A 122 1.62 7.04 -0.79
N GLY A 123 1.80 6.42 0.35
CA GLY A 123 1.99 7.15 1.58
C GLY A 123 0.68 7.62 2.14
N LEU A 124 -0.41 7.21 1.53
CA LEU A 124 -1.76 7.64 1.91
C LEU A 124 -1.97 9.07 1.36
N MET A 125 -0.99 9.58 0.60
CA MET A 125 -1.07 10.91 0.00
C MET A 125 -1.19 10.97 -1.53
N VAL A 126 -0.74 9.94 -2.22
CA VAL A 126 -0.73 9.88 -3.66
C VAL A 126 -1.01 8.46 -4.13
N GLY A 127 -1.31 8.32 -5.42
CA GLY A 127 -1.50 7.01 -5.97
C GLY A 127 -2.80 6.84 -6.72
N ALA A 128 -2.91 5.72 -7.43
CA ALA A 128 -4.12 5.48 -8.22
C ALA A 128 -4.28 4.00 -8.52
N ALA A 129 -5.54 3.56 -8.65
CA ALA A 129 -5.80 2.19 -9.05
C ALA A 129 -5.32 1.93 -10.49
N SER A 130 -5.55 2.89 -11.37
CA SER A 130 -5.36 2.70 -12.81
C SER A 130 -3.90 2.49 -13.19
N THR A 131 -2.97 2.80 -12.29
CA THR A 131 -1.54 2.51 -12.45
C THR A 131 -1.30 1.03 -12.68
N TYR A 132 -2.16 0.19 -12.12
CA TYR A 132 -1.92 -1.25 -12.07
C TYR A 132 -2.87 -1.91 -13.05
N ASP A 133 -2.30 -2.54 -14.06
CA ASP A 133 -3.07 -3.24 -15.07
C ASP A 133 -3.24 -4.68 -14.60
N GLY A 134 -4.49 -5.11 -14.38
CA GLY A 134 -4.74 -6.47 -13.94
C GLY A 134 -4.77 -7.54 -15.01
N LEU A 135 -4.50 -7.19 -16.27
CA LEU A 135 -4.73 -8.10 -17.40
C LEU A 135 -3.87 -9.37 -17.28
N ALA A 136 -2.58 -9.20 -17.01
CA ALA A 136 -1.66 -10.33 -17.06
C ALA A 136 -1.91 -11.28 -15.89
N LEU A 137 -2.08 -10.75 -14.69
CA LEU A 137 -2.31 -11.60 -13.53
C LEU A 137 -3.63 -12.35 -13.66
N ALA A 138 -4.68 -11.65 -14.11
CA ALA A 138 -5.98 -12.29 -14.31
C ALA A 138 -5.89 -13.43 -15.33
N ALA A 139 -5.29 -13.17 -16.49
CA ALA A 139 -5.23 -14.20 -17.54
C ALA A 139 -4.31 -15.35 -17.13
N HIS A 140 -3.13 -15.04 -16.59
CA HIS A 140 -2.16 -16.07 -16.29
C HIS A 140 -2.62 -16.95 -15.15
N GLU A 141 -3.31 -16.40 -14.15
CA GLU A 141 -3.65 -17.19 -12.98
C GLU A 141 -5.13 -17.43 -12.77
N ASN A 142 -5.99 -17.01 -13.71
CA ASN A 142 -7.42 -17.30 -13.60
C ASN A 142 -8.00 -16.78 -12.28
N VAL A 143 -7.71 -15.52 -11.99
CA VAL A 143 -8.27 -14.83 -10.84
C VAL A 143 -8.89 -13.52 -11.31
N VAL A 144 -9.90 -13.07 -10.58
CA VAL A 144 -10.50 -11.76 -10.82
C VAL A 144 -9.68 -10.73 -10.05
N VAL A 145 -9.12 -9.74 -10.77
CA VAL A 145 -8.33 -8.70 -10.14
C VAL A 145 -9.17 -7.44 -10.05
N VAL A 146 -9.23 -6.84 -8.86
CA VAL A 146 -9.99 -5.60 -8.62
C VAL A 146 -9.00 -4.58 -8.08
N THR A 147 -8.87 -3.44 -8.73
CA THR A 147 -8.01 -2.38 -8.20
C THR A 147 -8.90 -1.28 -7.64
N ILE A 148 -8.66 -0.87 -6.39
CA ILE A 148 -9.58 0.09 -5.76
C ILE A 148 -8.91 1.44 -5.50
N GLN A 149 -9.74 2.47 -5.37
CA GLN A 149 -9.27 3.79 -4.98
C GLN A 149 -9.91 4.15 -3.65
N TYR A 150 -9.32 5.14 -3.01
CA TYR A 150 -9.72 5.55 -1.66
C TYR A 150 -9.21 6.96 -1.46
N ARG A 151 -9.92 7.74 -0.65
CA ARG A 151 -9.54 9.13 -0.48
C ARG A 151 -8.15 9.25 0.13
N LEU A 152 -7.39 10.24 -0.31
CA LEU A 152 -5.99 10.42 0.04
C LEU A 152 -5.78 11.76 0.73
N GLY A 153 -4.69 11.85 1.50
CA GLY A 153 -4.26 13.15 1.99
C GLY A 153 -5.28 13.78 2.91
N ILE A 154 -5.46 15.10 2.77
CA ILE A 154 -6.42 15.82 3.60
C ILE A 154 -7.81 15.21 3.47
N TRP A 155 -8.23 14.89 2.23
CA TRP A 155 -9.58 14.37 2.01
C TRP A 155 -9.77 13.02 2.68
N GLY A 156 -8.72 12.19 2.72
CA GLY A 156 -8.88 10.86 3.24
C GLY A 156 -8.55 10.72 4.71
N PHE A 157 -7.77 11.65 5.26
CA PHE A 157 -7.23 11.39 6.59
C PHE A 157 -7.22 12.60 7.52
N PHE A 158 -7.88 13.70 7.16
CA PHE A 158 -7.96 14.83 8.09
C PHE A 158 -8.69 14.41 9.36
N SER A 159 -8.04 14.63 10.51
CA SER A 159 -8.59 14.24 11.80
C SER A 159 -8.41 15.36 12.81
N THR A 160 -9.50 15.74 13.50
CA THR A 160 -9.39 16.62 14.66
C THR A 160 -9.13 15.88 15.96
N GLY A 161 -9.06 14.55 15.92
CA GLY A 161 -8.91 13.75 17.12
C GLY A 161 -10.17 13.59 17.93
N ASP A 162 -11.33 13.93 17.39
CA ASP A 162 -12.58 13.87 18.14
C ASP A 162 -13.72 13.61 17.17
N GLU A 163 -14.95 13.75 17.66
CA GLU A 163 -16.10 13.28 16.89
C GLU A 163 -16.42 14.19 15.70
N HIS A 164 -15.87 15.39 15.65
CA HIS A 164 -16.16 16.30 14.55
C HIS A 164 -15.42 15.93 13.27
N SER A 165 -14.29 15.22 13.37
CA SER A 165 -13.63 14.65 12.19
C SER A 165 -12.72 13.55 12.71
N ARG A 166 -13.29 12.36 12.88
CA ARG A 166 -12.55 11.26 13.51
C ARG A 166 -11.30 10.91 12.72
N GLY A 167 -11.42 10.86 11.39
CA GLY A 167 -10.32 10.50 10.50
C GLY A 167 -10.56 9.15 9.82
N ASN A 168 -9.51 8.68 9.14
CA ASN A 168 -9.49 7.36 8.49
C ASN A 168 -10.55 7.23 7.40
N TRP A 169 -10.95 8.35 6.77
CA TRP A 169 -11.94 8.30 5.69
C TRP A 169 -11.50 7.37 4.57
N GLY A 170 -10.21 7.40 4.21
CA GLY A 170 -9.73 6.53 3.14
C GLY A 170 -9.80 5.06 3.49
N HIS A 171 -9.58 4.70 4.76
CA HIS A 171 -9.73 3.30 5.16
C HIS A 171 -11.19 2.89 5.16
N LEU A 172 -12.08 3.80 5.57
CA LEU A 172 -13.50 3.53 5.42
C LEU A 172 -13.88 3.33 3.96
N ASP A 173 -13.22 4.04 3.03
CA ASP A 173 -13.47 3.81 1.61
C ASP A 173 -13.01 2.41 1.19
N GLN A 174 -11.86 1.97 1.72
CA GLN A 174 -11.40 0.62 1.41
C GLN A 174 -12.41 -0.41 1.89
N VAL A 175 -12.97 -0.20 3.08
CA VAL A 175 -14.00 -1.09 3.60
C VAL A 175 -15.24 -1.07 2.70
N ALA A 176 -15.66 0.13 2.29
CA ALA A 176 -16.83 0.24 1.39
C ALA A 176 -16.59 -0.52 0.10
N ALA A 177 -15.38 -0.43 -0.45
CA ALA A 177 -15.09 -1.15 -1.69
C ALA A 177 -15.18 -2.66 -1.47
N LEU A 178 -14.68 -3.14 -0.32
CA LEU A 178 -14.79 -4.57 -0.04
C LEU A 178 -16.24 -5.02 0.16
N ARG A 179 -17.08 -4.17 0.78
CA ARG A 179 -18.49 -4.51 0.87
C ARG A 179 -19.13 -4.55 -0.52
N TRP A 180 -18.72 -3.63 -1.40
CA TRP A 180 -19.22 -3.67 -2.76
C TRP A 180 -18.83 -4.98 -3.44
N VAL A 181 -17.58 -5.42 -3.24
CA VAL A 181 -17.13 -6.68 -3.81
C VAL A 181 -17.97 -7.83 -3.31
N GLN A 182 -18.21 -7.89 -1.99
CA GLN A 182 -19.10 -8.89 -1.42
C GLN A 182 -20.43 -8.92 -2.14
N ASP A 183 -21.03 -7.75 -2.34
CA ASP A 183 -22.39 -7.71 -2.91
C ASP A 183 -22.44 -7.91 -4.43
N ASN A 184 -21.34 -7.73 -5.15
CA ASN A 184 -21.41 -7.67 -6.62
C ASN A 184 -20.47 -8.58 -7.38
N ILE A 185 -19.37 -9.05 -6.79
CA ILE A 185 -18.34 -9.66 -7.62
C ILE A 185 -18.78 -10.98 -8.28
N ALA A 186 -19.77 -11.69 -7.70
CA ALA A 186 -20.29 -12.88 -8.37
C ALA A 186 -20.82 -12.59 -9.77
N SER A 187 -21.33 -11.37 -10.02
CA SER A 187 -21.77 -11.06 -11.38
C SER A 187 -20.62 -10.93 -12.36
N PHE A 188 -19.38 -10.80 -11.87
CA PHE A 188 -18.20 -10.74 -12.71
C PHE A 188 -17.44 -12.06 -12.72
N GLY A 189 -18.05 -13.14 -12.26
CA GLY A 189 -17.42 -14.43 -12.25
C GLY A 189 -16.54 -14.69 -11.06
N GLY A 190 -16.62 -13.85 -10.02
CA GLY A 190 -15.79 -13.99 -8.85
C GLY A 190 -16.52 -14.68 -7.72
N ASN A 191 -15.75 -15.24 -6.80
CA ASN A 191 -16.29 -15.92 -5.63
C ASN A 191 -16.25 -14.98 -4.42
N PRO A 192 -17.40 -14.46 -3.95
CA PRO A 192 -17.36 -13.58 -2.77
C PRO A 192 -16.92 -14.29 -1.51
N GLY A 193 -16.95 -15.62 -1.47
CA GLY A 193 -16.39 -16.34 -0.34
C GLY A 193 -14.89 -16.59 -0.40
N SER A 194 -14.17 -16.05 -1.41
CA SER A 194 -12.71 -16.16 -1.48
C SER A 194 -12.14 -14.83 -1.97
N VAL A 195 -12.00 -13.87 -1.06
CA VAL A 195 -11.47 -12.55 -1.40
C VAL A 195 -10.14 -12.38 -0.68
N THR A 196 -9.10 -12.07 -1.44
CA THR A 196 -7.76 -11.81 -0.91
C THR A 196 -7.50 -10.32 -1.08
N ILE A 197 -7.09 -9.65 -0.03
CA ILE A 197 -6.69 -8.27 -0.13
C ILE A 197 -5.18 -8.19 -0.17
N PHE A 198 -4.67 -7.43 -1.10
CA PHE A 198 -3.26 -7.27 -1.21
C PHE A 198 -2.88 -5.84 -1.53
N GLY A 199 -1.73 -5.47 -1.03
CA GLY A 199 -1.26 -4.12 -1.24
C GLY A 199 0.21 -3.88 -0.91
N GLU A 200 0.73 -2.76 -1.41
CA GLU A 200 2.16 -2.50 -1.24
C GLU A 200 2.32 -1.12 -0.60
N SER A 201 3.32 -1.00 0.28
CA SER A 201 3.67 0.28 0.93
C SER A 201 2.48 0.71 1.76
N ALA A 202 1.92 1.90 1.58
CA ALA A 202 0.74 2.27 2.35
C ALA A 202 -0.42 1.32 2.09
N GLY A 203 -0.45 0.69 0.90
CA GLY A 203 -1.47 -0.31 0.63
C GLY A 203 -1.29 -1.54 1.49
N GLY A 204 -0.03 -1.94 1.72
CA GLY A 204 0.24 -3.02 2.66
C GLY A 204 -0.09 -2.61 4.09
N GLU A 205 0.19 -1.35 4.45
CA GLU A 205 -0.26 -0.90 5.76
C GLU A 205 -1.78 -0.95 5.84
N SER A 206 -2.45 -0.63 4.72
CA SER A 206 -3.91 -0.63 4.77
C SER A 206 -4.42 -2.04 4.98
N VAL A 207 -3.78 -3.02 4.32
CA VAL A 207 -4.20 -4.40 4.51
C VAL A 207 -4.06 -4.78 5.97
N SER A 208 -2.95 -4.36 6.59
CA SER A 208 -2.69 -4.69 7.99
C SER A 208 -3.72 -4.01 8.89
N VAL A 209 -4.07 -2.77 8.56
CA VAL A 209 -5.10 -2.06 9.33
C VAL A 209 -6.45 -2.77 9.19
N LEU A 210 -6.74 -3.29 8.00
CA LEU A 210 -8.02 -3.98 7.85
C LEU A 210 -8.02 -5.29 8.62
N VAL A 211 -6.86 -5.95 8.76
CA VAL A 211 -6.81 -7.15 9.59
C VAL A 211 -7.14 -6.80 11.04
N LEU A 212 -6.86 -5.57 11.46
CA LEU A 212 -7.05 -5.12 12.83
C LEU A 212 -8.42 -4.49 13.07
N SER A 213 -9.25 -4.34 12.05
CA SER A 213 -10.47 -3.53 12.17
C SER A 213 -11.71 -4.38 12.28
N PRO A 214 -12.57 -4.14 13.27
CA PRO A 214 -13.85 -4.86 13.32
C PRO A 214 -14.75 -4.56 12.15
N LEU A 215 -14.59 -3.40 11.51
CA LEU A 215 -15.44 -3.05 10.37
C LEU A 215 -15.20 -3.93 9.15
N ALA A 216 -14.05 -4.61 9.09
CA ALA A 216 -13.74 -5.44 7.94
C ALA A 216 -14.07 -6.92 8.17
N LYS A 217 -14.77 -7.25 9.26
CA LYS A 217 -15.13 -8.63 9.51
C LYS A 217 -15.93 -9.22 8.35
N ASN A 218 -15.54 -10.43 7.94
CA ASN A 218 -16.19 -11.21 6.88
C ASN A 218 -16.10 -10.56 5.50
N LEU A 219 -15.21 -9.60 5.31
CA LEU A 219 -15.04 -9.00 3.99
C LEU A 219 -13.86 -9.57 3.21
N PHE A 220 -13.00 -10.36 3.83
CA PHE A 220 -11.90 -10.98 3.10
C PHE A 220 -11.45 -12.24 3.83
N HIS A 221 -10.71 -13.08 3.10
CA HIS A 221 -10.39 -14.41 3.57
C HIS A 221 -8.90 -14.74 3.51
N ARG A 222 -8.08 -13.89 2.90
CA ARG A 222 -6.62 -13.97 2.93
C ARG A 222 -6.13 -12.55 2.79
N ALA A 223 -4.90 -12.31 3.25
CA ALA A 223 -4.31 -10.98 3.21
C ALA A 223 -2.84 -11.09 2.82
N ILE A 224 -2.37 -10.08 2.08
CA ILE A 224 -0.97 -10.01 1.71
C ILE A 224 -0.47 -8.55 1.88
N SER A 225 0.50 -8.33 2.77
CA SER A 225 1.10 -7.01 2.91
C SER A 225 2.50 -7.05 2.30
N GLU A 226 2.73 -6.20 1.30
CA GLU A 226 3.99 -6.16 0.66
C GLU A 226 4.67 -4.86 1.09
N SER A 227 5.73 -4.98 1.86
CA SER A 227 6.52 -3.83 2.26
C SER A 227 5.74 -2.72 3.00
N GLY A 228 4.77 -3.10 3.80
CA GLY A 228 4.12 -2.14 4.65
C GLY A 228 3.28 -2.88 5.69
N VAL A 229 3.18 -2.34 6.89
CA VAL A 229 2.37 -2.93 7.91
C VAL A 229 1.91 -1.85 8.89
N ALA A 230 0.98 -2.20 9.74
CA ALA A 230 0.42 -1.24 10.73
C ALA A 230 1.47 -0.78 11.76
N LEU A 231 2.54 -1.54 11.91
CA LEU A 231 3.64 -1.16 12.79
C LEU A 231 4.66 -0.27 12.03
N THR A 232 4.38 0.06 10.78
CA THR A 232 5.26 0.95 10.07
C THR A 232 4.76 2.26 10.65
N SER A 233 5.56 2.84 11.54
CA SER A 233 5.09 3.97 12.38
C SER A 233 4.76 5.29 11.72
N VAL A 234 5.49 5.57 10.67
CA VAL A 234 5.25 6.84 9.98
C VAL A 234 3.83 6.92 9.43
N LEU A 235 3.16 5.78 9.24
CA LEU A 235 1.81 5.77 8.68
C LEU A 235 0.73 5.76 9.76
N VAL A 236 1.07 5.60 11.03
CA VAL A 236 0.08 5.51 12.10
C VAL A 236 0.39 6.57 13.15
N LYS A 237 -0.54 7.52 13.31
CA LYS A 237 -0.49 8.61 14.29
C LYS A 237 -0.92 8.12 15.66
N LYS A 238 -0.04 8.23 16.66
CA LYS A 238 -0.45 8.01 18.03
C LYS A 238 -0.38 9.32 18.81
N GLY A 239 -1.20 9.41 19.85
CA GLY A 239 -1.19 10.61 20.68
C GLY A 239 -1.94 11.76 20.07
N ASP A 240 -1.44 12.99 20.27
CA ASP A 240 -2.16 14.21 19.92
C ASP A 240 -2.08 14.50 18.43
N VAL A 241 -3.22 14.37 17.74
CA VAL A 241 -3.29 14.73 16.34
C VAL A 241 -3.77 16.16 16.12
N LYS A 242 -4.18 16.87 17.18
CA LYS A 242 -4.68 18.24 17.03
C LYS A 242 -3.66 19.22 16.46
N PRO A 243 -2.38 19.19 16.81
CA PRO A 243 -1.45 20.15 16.19
C PRO A 243 -1.40 20.08 14.68
N LEU A 244 -1.36 18.88 14.08
CA LEU A 244 -1.35 18.77 12.62
C LEU A 244 -2.63 19.35 12.03
N ALA A 245 -3.78 19.01 12.62
CA ALA A 245 -5.05 19.54 12.15
C ALA A 245 -5.06 21.06 12.16
N GLU A 246 -4.56 21.65 13.24
CA GLU A 246 -4.53 23.11 13.33
C GLU A 246 -3.62 23.71 12.28
N GLN A 247 -2.47 23.08 12.04
CA GLN A 247 -1.54 23.55 11.03
C GLN A 247 -2.20 23.53 9.64
N ILE A 248 -2.94 22.48 9.34
CA ILE A 248 -3.62 22.39 8.05
C ILE A 248 -4.70 23.47 7.95
N ALA A 249 -5.49 23.63 9.01
CA ALA A 249 -6.54 24.63 9.00
C ALA A 249 -5.98 26.03 8.78
N ILE A 250 -4.89 26.37 9.51
CA ILE A 250 -4.26 27.67 9.36
C ILE A 250 -3.72 27.87 7.95
N THR A 251 -3.05 26.84 7.41
CA THR A 251 -2.54 26.95 6.05
C THR A 251 -3.67 27.18 5.03
N ALA A 252 -4.83 26.56 5.25
CA ALA A 252 -5.96 26.76 4.36
C ALA A 252 -6.67 28.10 4.55
N GLY A 253 -6.32 28.86 5.58
CA GLY A 253 -7.01 30.10 5.86
C GLY A 253 -8.13 30.01 6.86
N CYS A 254 -8.18 28.97 7.67
CA CYS A 254 -9.27 28.70 8.60
C CYS A 254 -8.88 29.06 10.03
N LYS A 255 -9.88 29.47 10.81
CA LYS A 255 -9.66 29.68 12.23
C LYS A 255 -9.66 28.33 12.96
N THR A 256 -9.02 28.31 14.14
CA THR A 256 -8.89 27.08 14.91
C THR A 256 -9.63 27.17 16.23
N THR A 257 -10.70 27.98 16.27
CA THR A 257 -11.43 28.23 17.52
C THR A 257 -11.90 26.94 18.17
N THR A 258 -12.48 26.04 17.39
CA THR A 258 -12.94 24.73 17.85
C THR A 258 -12.74 23.73 16.73
N SER A 259 -12.82 22.43 17.07
CA SER A 259 -12.74 21.38 16.05
C SER A 259 -13.85 21.52 15.01
N ALA A 260 -15.10 21.72 15.48
CA ALA A 260 -16.22 21.84 14.55
C ALA A 260 -16.06 23.03 13.62
N VAL A 261 -15.50 24.13 14.14
CA VAL A 261 -15.24 25.32 13.33
C VAL A 261 -14.22 25.00 12.23
N MET A 262 -13.14 24.31 12.60
CA MET A 262 -12.09 23.94 11.65
C MET A 262 -12.65 23.07 10.53
N VAL A 263 -13.41 22.04 10.89
CA VAL A 263 -13.94 21.13 9.89
C VAL A 263 -14.97 21.82 8.99
N HIS A 264 -15.84 22.65 9.57
CA HIS A 264 -16.83 23.34 8.74
C HIS A 264 -16.14 24.27 7.74
N CYS A 265 -15.12 25.00 8.21
CA CYS A 265 -14.37 25.87 7.32
C CYS A 265 -13.71 25.09 6.19
N LEU A 266 -13.04 24.00 6.53
CA LEU A 266 -12.39 23.19 5.49
C LEU A 266 -13.42 22.62 4.50
N ARG A 267 -14.63 22.30 4.98
CA ARG A 267 -15.65 21.83 4.06
C ARG A 267 -16.13 22.93 3.11
N GLN A 268 -15.90 24.20 3.44
CA GLN A 268 -16.28 25.24 2.48
C GLN A 268 -15.22 25.49 1.40
N LYS A 269 -13.99 25.00 1.56
CA LYS A 269 -12.93 25.29 0.60
C LYS A 269 -13.14 24.51 -0.69
N THR A 270 -12.69 25.10 -1.79
CA THR A 270 -12.74 24.40 -3.07
C THR A 270 -11.68 23.31 -3.13
N GLU A 271 -11.88 22.35 -4.04
CA GLU A 271 -10.83 21.36 -4.28
C GLU A 271 -9.50 22.04 -4.53
N GLU A 272 -9.50 23.10 -5.33
CA GLU A 272 -8.27 23.78 -5.70
C GLU A 272 -7.59 24.42 -4.49
N GLU A 273 -8.38 25.00 -3.58
CA GLU A 273 -7.83 25.55 -2.35
C GLU A 273 -7.23 24.47 -1.47
N LEU A 274 -7.86 23.31 -1.38
CA LEU A 274 -7.29 22.26 -0.53
C LEU A 274 -6.04 21.64 -1.18
N LEU A 275 -5.98 21.63 -2.51
CA LEU A 275 -4.76 21.15 -3.16
C LEU A 275 -3.63 22.14 -2.95
N GLU A 276 -3.91 23.44 -3.10
CA GLU A 276 -2.96 24.47 -2.73
C GLU A 276 -2.43 24.28 -1.31
N THR A 277 -3.34 24.01 -0.37
CA THR A 277 -2.92 23.75 1.01
C THR A 277 -2.00 22.53 1.10
N THR A 278 -2.38 21.45 0.41
CA THR A 278 -1.56 20.23 0.38
C THR A 278 -0.14 20.55 -0.08
N LEU A 279 -0.02 21.31 -1.16
CA LEU A 279 1.29 21.60 -1.73
C LEU A 279 2.09 22.51 -0.81
N LYS A 280 1.41 23.47 -0.15
CA LYS A 280 2.10 24.33 0.81
C LYS A 280 2.63 23.55 2.00
N MET A 281 1.94 22.48 2.42
CA MET A 281 2.41 21.68 3.55
C MET A 281 3.66 20.85 3.22
N LYS A 282 3.94 20.62 1.94
CA LYS A 282 5.11 19.85 1.49
C LYS A 282 5.20 18.50 2.17
N PHE A 283 4.13 17.71 2.01
CA PHE A 283 4.14 16.36 2.54
C PHE A 283 5.11 15.48 1.75
N LEU A 284 5.44 14.31 2.30
CA LEU A 284 6.26 13.31 1.62
C LEU A 284 7.67 13.79 1.36
N SER A 285 8.04 15.00 1.78
CA SER A 285 9.39 15.54 1.62
C SER A 285 10.02 15.59 3.00
N LEU A 286 11.27 15.14 3.11
CA LEU A 286 11.93 15.20 4.41
C LEU A 286 12.08 16.64 4.88
N ASP A 287 11.59 16.90 6.08
CA ASP A 287 11.45 18.25 6.62
C ASP A 287 12.76 18.58 7.34
N LEU A 288 13.50 19.56 6.81
CA LEU A 288 14.79 19.93 7.36
C LEU A 288 14.77 21.30 8.05
N GLN A 289 13.59 21.84 8.33
CA GLN A 289 13.44 23.17 8.95
C GLN A 289 12.81 23.02 10.32
N GLY A 290 13.62 23.18 11.35
CA GLY A 290 13.12 23.19 12.72
C GLY A 290 13.31 21.86 13.43
N ASP A 291 12.62 21.76 14.55
CA ASP A 291 12.65 20.56 15.38
C ASP A 291 12.01 19.39 14.64
N PRO A 292 12.73 18.29 14.40
CA PRO A 292 12.14 17.16 13.64
C PRO A 292 11.03 16.46 14.38
N ARG A 293 10.90 16.67 15.69
CA ARG A 293 9.76 16.10 16.41
C ARG A 293 8.44 16.73 16.00
N GLU A 294 8.47 17.92 15.37
CA GLU A 294 7.26 18.54 14.85
C GLU A 294 7.03 18.27 13.37
N SER A 295 7.90 17.49 12.73
CA SER A 295 7.72 17.18 11.31
C SER A 295 6.51 16.26 11.10
N GLN A 296 5.74 16.55 10.05
CA GLN A 296 4.59 15.73 9.67
C GLN A 296 4.63 15.41 8.18
N PRO A 297 5.26 14.29 7.80
CA PRO A 297 5.44 14.00 6.37
C PRO A 297 4.18 13.54 5.65
N LEU A 298 3.14 13.11 6.38
CA LEU A 298 1.91 12.70 5.72
C LEU A 298 0.78 12.70 6.73
N LEU A 299 -0.44 12.78 6.22
CA LEU A 299 -1.63 12.50 7.02
C LEU A 299 -1.95 11.02 6.90
N GLY A 300 -2.05 10.35 8.03
CA GLY A 300 -2.20 8.92 7.97
C GLY A 300 -3.27 8.39 8.88
N THR A 301 -3.13 7.11 9.20
CA THR A 301 -4.09 6.38 10.02
C THR A 301 -4.06 6.92 11.44
N VAL A 302 -5.24 7.09 12.04
CA VAL A 302 -5.33 7.46 13.46
C VAL A 302 -6.11 6.37 14.19
N ILE A 303 -6.10 6.46 15.52
CA ILE A 303 -6.93 5.58 16.35
C ILE A 303 -8.24 6.35 16.53
N ASP A 304 -9.22 6.05 15.68
CA ASP A 304 -10.42 6.89 15.59
C ASP A 304 -11.57 6.41 16.47
N GLY A 305 -11.54 5.15 16.90
CA GLY A 305 -12.62 4.58 17.67
C GLY A 305 -13.73 3.95 16.87
N MET A 306 -13.68 4.01 15.54
CA MET A 306 -14.64 3.33 14.68
C MET A 306 -13.94 2.25 13.86
N LEU A 307 -12.94 2.63 13.06
CA LEU A 307 -12.16 1.66 12.30
C LEU A 307 -11.12 0.97 13.17
N LEU A 308 -10.33 1.74 13.91
CA LEU A 308 -9.36 1.20 14.85
C LEU A 308 -9.76 1.66 16.25
N LEU A 309 -9.97 0.69 17.15
CA LEU A 309 -10.44 1.01 18.50
C LEU A 309 -9.30 1.22 19.50
N LYS A 310 -8.14 0.62 19.24
CA LYS A 310 -6.91 0.86 20.00
C LYS A 310 -5.72 0.84 19.05
N THR A 311 -4.52 1.05 19.61
CA THR A 311 -3.33 1.06 18.81
C THR A 311 -3.07 -0.36 18.28
N PRO A 312 -2.44 -0.47 17.11
CA PRO A 312 -2.08 -1.81 16.61
C PRO A 312 -1.34 -2.64 17.65
N GLU A 313 -0.44 -2.03 18.42
CA GLU A 313 0.27 -2.81 19.43
C GLU A 313 -0.70 -3.40 20.46
N GLU A 314 -1.62 -2.57 20.97
CA GLU A 314 -2.58 -3.07 21.96
C GLU A 314 -3.47 -4.15 21.38
N LEU A 315 -3.94 -3.97 20.14
CA LEU A 315 -4.78 -5.00 19.53
C LEU A 315 -4.02 -6.30 19.37
N GLN A 316 -2.75 -6.22 18.96
CA GLN A 316 -1.95 -7.42 18.85
C GLN A 316 -1.79 -8.12 20.19
N ALA A 317 -1.53 -7.36 21.26
CA ALA A 317 -1.37 -7.98 22.57
C ALA A 317 -2.65 -8.65 23.03
N GLU A 318 -3.80 -8.11 22.64
CA GLU A 318 -5.10 -8.69 22.98
C GLU A 318 -5.51 -9.81 22.03
N ARG A 319 -4.74 -10.05 20.96
CA ARG A 319 -5.10 -11.04 19.94
C ARG A 319 -6.44 -10.71 19.30
N ASN A 320 -6.74 -9.42 19.18
CA ASN A 320 -8.02 -8.97 18.69
C ASN A 320 -7.85 -8.50 17.24
N PHE A 321 -7.80 -9.48 16.33
CA PHE A 321 -7.68 -9.20 14.90
C PHE A 321 -8.16 -10.42 14.12
N HIS A 322 -8.29 -10.26 12.80
CA HIS A 322 -8.85 -11.32 11.94
C HIS A 322 -7.76 -12.32 11.62
N THR A 323 -7.94 -13.55 12.06
CA THR A 323 -6.89 -14.57 11.99
C THR A 323 -6.93 -15.32 10.65
N VAL A 324 -6.96 -14.58 9.56
CA VAL A 324 -6.99 -15.14 8.20
C VAL A 324 -5.57 -15.54 7.82
N PRO A 325 -5.38 -16.41 6.83
CA PRO A 325 -4.03 -16.60 6.28
C PRO A 325 -3.46 -15.25 5.82
N TYR A 326 -2.21 -14.99 6.19
CA TYR A 326 -1.58 -13.69 5.99
C TYR A 326 -0.14 -13.88 5.51
N MET A 327 0.17 -13.33 4.34
CA MET A 327 1.52 -13.27 3.79
C MET A 327 2.09 -11.87 4.01
N VAL A 328 3.24 -11.80 4.70
CA VAL A 328 3.92 -10.55 5.00
C VAL A 328 5.32 -10.61 4.40
N GLY A 329 5.65 -9.62 3.56
CA GLY A 329 6.92 -9.67 2.84
C GLY A 329 7.61 -8.32 2.84
N ILE A 330 8.92 -8.41 2.66
CA ILE A 330 9.69 -7.22 2.50
C ILE A 330 10.66 -7.41 1.31
N ASN A 331 11.31 -6.33 0.94
CA ASN A 331 12.30 -6.35 -0.10
C ASN A 331 13.68 -6.16 0.54
N LYS A 332 14.71 -6.63 -0.14
CA LYS A 332 16.05 -6.59 0.44
C LYS A 332 16.55 -5.19 0.78
N GLN A 333 16.26 -4.21 -0.05
CA GLN A 333 16.71 -2.83 0.15
C GLN A 333 15.50 -1.84 0.06
N GLU A 334 14.69 -1.84 1.10
CA GLU A 334 13.47 -1.02 1.12
C GLU A 334 13.75 0.48 1.04
N PHE A 335 14.82 0.91 1.65
CA PHE A 335 15.20 2.33 1.62
C PHE A 335 16.34 2.61 0.63
N GLY A 336 16.61 1.68 -0.26
CA GLY A 336 17.75 1.86 -1.14
C GLY A 336 17.81 3.01 -2.10
N TRP A 337 16.71 3.30 -2.77
CA TRP A 337 16.65 4.42 -3.69
C TRP A 337 15.37 5.21 -3.77
N LEU A 338 14.31 4.52 -4.16
CA LEU A 338 13.10 5.26 -4.48
C LEU A 338 12.47 6.08 -3.41
N ILE A 339 12.31 5.56 -2.21
CA ILE A 339 11.75 6.45 -1.23
C ILE A 339 12.65 7.64 -0.84
N PRO A 340 13.93 7.36 -0.55
CA PRO A 340 14.75 8.54 -0.25
C PRO A 340 15.01 9.52 -1.39
N GLN A 341 15.32 8.99 -2.56
CA GLN A 341 15.69 9.84 -3.66
C GLN A 341 14.60 10.31 -4.59
N MET A 342 13.53 9.55 -4.74
CA MET A 342 12.47 10.07 -5.59
C MET A 342 11.31 10.65 -4.84
N LEU A 343 10.76 9.95 -3.86
CA LEU A 343 9.74 10.52 -3.00
C LEU A 343 10.04 11.59 -1.96
N MET A 344 11.12 11.39 -1.21
CA MET A 344 11.35 12.26 -0.05
C MET A 344 12.46 13.28 -0.08
N SER A 345 13.17 13.33 -1.18
CA SER A 345 14.22 14.32 -1.32
C SER A 345 15.24 14.26 -0.17
N TYR A 346 15.74 13.07 0.10
CA TYR A 346 16.75 12.93 1.14
C TYR A 346 18.05 13.62 0.73
N PRO A 347 18.73 14.33 1.65
CA PRO A 347 20.06 14.85 1.35
C PRO A 347 21.10 13.75 1.33
N LEU A 348 21.11 12.94 0.27
CA LEU A 348 22.00 11.80 0.18
C LEU A 348 22.56 11.63 -1.23
N SER A 349 22.68 12.72 -1.98
CA SER A 349 23.23 12.60 -3.32
C SER A 349 24.71 12.21 -3.33
N GLU A 350 25.44 12.42 -2.23
CA GLU A 350 26.90 12.37 -2.33
C GLU A 350 27.49 10.96 -2.20
N GLY A 351 26.74 9.98 -1.70
CA GLY A 351 27.22 8.62 -1.81
C GLY A 351 28.29 8.21 -0.82
N GLN A 352 28.79 9.12 0.00
CA GLN A 352 29.51 8.76 1.21
C GLN A 352 28.89 9.51 2.38
N LEU A 353 28.96 8.88 3.56
CA LEU A 353 28.32 9.39 4.75
C LEU A 353 29.21 9.12 5.94
N ASP A 354 29.68 10.17 6.60
CA ASP A 354 30.42 9.97 7.83
C ASP A 354 29.44 9.87 9.00
N GLN A 355 29.93 9.33 10.11
CA GLN A 355 29.04 8.97 11.21
C GLN A 355 28.38 10.18 11.85
N LYS A 356 29.04 11.34 11.84
CA LYS A 356 28.43 12.53 12.44
C LYS A 356 27.27 13.04 11.59
N THR A 357 27.47 13.09 10.27
CA THR A 357 26.38 13.44 9.36
C THR A 357 25.26 12.41 9.45
N ALA A 358 25.61 11.13 9.59
CA ALA A 358 24.60 10.09 9.74
C ALA A 358 23.76 10.30 11.01
N MET A 359 24.40 10.63 12.13
CA MET A 359 23.64 10.91 13.35
C MET A 359 22.73 12.12 13.17
N SER A 360 23.23 13.18 12.56
CA SER A 360 22.38 14.34 12.34
C SER A 360 21.19 13.99 11.44
N LEU A 361 21.43 13.18 10.40
CA LEU A 361 20.38 12.82 9.46
C LEU A 361 19.37 11.87 10.11
N LEU A 362 19.84 10.97 10.96
CA LEU A 362 18.93 10.06 11.66
C LEU A 362 18.06 10.83 12.65
N TRP A 363 18.59 11.90 13.25
CA TRP A 363 17.74 12.75 14.06
C TRP A 363 16.71 13.47 13.19
N LYS A 364 17.13 13.98 12.02
CA LYS A 364 16.17 14.60 11.12
C LYS A 364 15.12 13.60 10.63
N SER A 365 15.46 12.32 10.59
CA SER A 365 14.56 11.23 10.19
C SER A 365 13.57 10.82 11.27
N TYR A 366 13.49 11.57 12.37
CA TYR A 366 12.58 11.23 13.46
C TYR A 366 11.15 10.89 13.03
N PRO A 367 10.49 11.67 12.16
CA PRO A 367 9.14 11.27 11.74
C PRO A 367 9.08 9.89 11.11
N LEU A 368 10.17 9.40 10.53
CA LEU A 368 10.20 8.07 9.93
C LEU A 368 10.56 6.96 10.93
N VAL A 369 11.51 7.20 11.82
CA VAL A 369 12.07 6.11 12.62
C VAL A 369 11.81 6.27 14.11
N CYS A 370 11.55 7.48 14.61
CA CYS A 370 11.09 7.68 15.98
C CYS A 370 12.17 7.33 17.00
N ILE A 371 13.41 7.68 16.70
CA ILE A 371 14.51 7.36 17.60
C ILE A 371 14.86 8.61 18.41
N ALA A 372 14.64 8.54 19.71
CA ALA A 372 14.93 9.67 20.60
C ALA A 372 16.37 10.13 20.44
N LYS A 373 16.58 11.44 20.64
CA LYS A 373 17.90 12.01 20.37
C LYS A 373 19.00 11.33 21.18
N GLU A 374 18.69 10.91 22.42
CA GLU A 374 19.71 10.29 23.25
C GLU A 374 20.11 8.92 22.74
N LEU A 375 19.27 8.30 21.91
CA LEU A 375 19.52 6.96 21.40
C LEU A 375 20.14 6.97 20.01
N ILE A 376 20.22 8.14 19.37
CA ILE A 376 20.84 8.26 18.04
C ILE A 376 22.24 7.66 18.02
N PRO A 377 23.15 7.98 18.96
CA PRO A 377 24.52 7.44 18.85
C PRO A 377 24.57 5.92 18.88
N GLU A 378 23.80 5.29 19.77
CA GLU A 378 23.85 3.84 19.89
C GLU A 378 23.32 3.17 18.63
N ALA A 379 22.18 3.66 18.10
CA ALA A 379 21.62 3.11 16.87
C ALA A 379 22.59 3.25 15.70
N THR A 380 23.13 4.46 15.55
CA THR A 380 24.07 4.71 14.46
C THR A 380 25.32 3.84 14.58
N GLU A 381 25.85 3.69 15.80
CA GLU A 381 27.04 2.88 16.01
C GLU A 381 26.78 1.41 15.70
N LYS A 382 25.63 0.90 16.13
CA LYS A 382 25.28 -0.49 15.85
C LYS A 382 25.32 -0.76 14.35
N TYR A 383 24.80 0.16 13.54
CA TYR A 383 24.82 -0.14 12.10
C TYR A 383 26.11 0.27 11.38
N LEU A 384 26.70 1.40 11.76
CA LEU A 384 27.78 2.03 11.00
C LEU A 384 29.16 1.81 11.62
N GLY A 385 29.22 1.42 12.90
CA GLY A 385 30.47 1.41 13.64
C GLY A 385 31.47 0.36 13.19
N GLY A 386 31.03 -0.66 12.46
CA GLY A 386 31.90 -1.75 12.08
C GLY A 386 32.86 -1.49 10.93
N THR A 387 32.79 -0.33 10.29
CA THR A 387 33.66 -0.01 9.16
C THR A 387 34.00 1.47 9.20
N ASP A 388 35.17 1.81 8.65
CA ASP A 388 35.56 3.20 8.44
C ASP A 388 35.33 3.66 7.00
N ASP A 389 34.96 2.76 6.10
CA ASP A 389 34.61 3.12 4.73
C ASP A 389 33.27 3.85 4.72
N THR A 390 33.26 5.12 4.31
CA THR A 390 32.06 5.93 4.43
C THR A 390 31.04 5.65 3.32
N VAL A 391 31.47 5.07 2.20
CA VAL A 391 30.50 4.56 1.23
C VAL A 391 29.70 3.41 1.84
N LYS A 392 30.41 2.49 2.50
CA LYS A 392 29.73 1.41 3.21
C LYS A 392 28.86 1.97 4.32
N LYS A 393 29.29 3.05 4.97
CA LYS A 393 28.46 3.65 6.00
C LYS A 393 27.15 4.17 5.42
N LYS A 394 27.19 4.79 4.24
CA LYS A 394 25.94 5.22 3.62
C LYS A 394 25.01 4.02 3.39
N ASP A 395 25.56 2.95 2.83
CA ASP A 395 24.73 1.76 2.56
C ASP A 395 24.14 1.19 3.86
N LEU A 396 24.94 1.17 4.92
CA LEU A 396 24.47 0.63 6.20
C LEU A 396 23.42 1.55 6.84
N PHE A 397 23.55 2.86 6.63
CA PHE A 397 22.52 3.78 7.09
C PHE A 397 21.19 3.51 6.40
N LEU A 398 21.24 3.26 5.09
CA LEU A 398 20.02 2.91 4.37
C LEU A 398 19.42 1.60 4.89
N ASP A 399 20.28 0.63 5.25
CA ASP A 399 19.79 -0.59 5.90
C ASP A 399 19.10 -0.28 7.22
N LEU A 400 19.69 0.61 8.02
CA LEU A 400 19.10 1.00 9.31
C LEU A 400 17.67 1.50 9.14
N ILE A 401 17.50 2.50 8.27
CA ILE A 401 16.16 3.04 8.06
C ILE A 401 15.21 1.96 7.54
N ALA A 402 15.67 1.12 6.61
CA ALA A 402 14.80 0.05 6.09
C ALA A 402 14.35 -0.91 7.18
N ASP A 403 15.27 -1.30 8.07
CA ASP A 403 14.91 -2.20 9.17
C ASP A 403 13.92 -1.56 10.13
N VAL A 404 14.08 -0.28 10.44
CA VAL A 404 13.15 0.34 11.38
C VAL A 404 11.77 0.53 10.76
N MET A 405 11.71 0.95 9.50
CA MET A 405 10.40 1.22 8.90
C MET A 405 9.68 -0.04 8.42
N PHE A 406 10.40 -1.01 7.87
CA PHE A 406 9.77 -2.14 7.19
C PHE A 406 10.14 -3.49 7.77
N GLY A 407 11.43 -3.82 7.92
CA GLY A 407 11.79 -5.19 8.25
C GLY A 407 11.32 -5.63 9.63
N VAL A 408 11.67 -4.86 10.64
CA VAL A 408 11.32 -5.21 12.01
C VAL A 408 9.80 -5.14 12.20
N PRO A 409 9.11 -4.07 11.78
CA PRO A 409 7.64 -4.07 11.90
C PRO A 409 7.00 -5.28 11.23
N SER A 410 7.50 -5.66 10.05
CA SER A 410 6.92 -6.78 9.34
C SER A 410 7.09 -8.07 10.12
N VAL A 411 8.28 -8.31 10.67
CA VAL A 411 8.48 -9.56 11.40
C VAL A 411 7.67 -9.56 12.69
N ILE A 412 7.56 -8.41 13.37
CA ILE A 412 6.75 -8.37 14.58
C ILE A 412 5.28 -8.67 14.26
N VAL A 413 4.77 -8.09 13.16
CA VAL A 413 3.39 -8.37 12.76
C VAL A 413 3.22 -9.85 12.46
N ALA A 414 4.16 -10.44 11.72
CA ALA A 414 4.06 -11.85 11.37
C ALA A 414 4.09 -12.73 12.61
N ARG A 415 5.00 -12.42 13.54
CA ARG A 415 5.10 -13.21 14.77
C ARG A 415 3.81 -13.15 15.58
N ASN A 416 3.25 -11.95 15.75
CA ASN A 416 1.99 -11.83 16.48
C ASN A 416 0.84 -12.56 15.77
N HIS A 417 0.79 -12.48 14.44
CA HIS A 417 -0.23 -13.20 13.68
C HIS A 417 -0.10 -14.70 13.85
N ARG A 418 1.12 -15.23 13.68
CA ARG A 418 1.40 -16.64 13.93
C ARG A 418 0.96 -17.04 15.32
N ASP A 419 1.28 -16.22 16.33
CA ASP A 419 1.00 -16.56 17.72
C ASP A 419 -0.48 -16.53 18.03
N ALA A 420 -1.31 -15.93 17.17
CA ALA A 420 -2.75 -16.07 17.32
C ALA A 420 -3.29 -17.32 16.62
N GLY A 421 -2.42 -18.20 16.16
CA GLY A 421 -2.84 -19.42 15.51
C GLY A 421 -3.15 -19.31 14.03
N ALA A 422 -2.90 -18.15 13.42
CA ALA A 422 -3.27 -18.03 12.02
C ALA A 422 -2.13 -18.49 11.12
N PRO A 423 -2.46 -19.10 9.97
CA PRO A 423 -1.43 -19.43 8.98
C PRO A 423 -0.73 -18.16 8.51
N THR A 424 0.59 -18.15 8.61
CA THR A 424 1.38 -16.96 8.33
C THR A 424 2.53 -17.35 7.42
N TYR A 425 2.84 -16.47 6.45
CA TYR A 425 3.91 -16.72 5.51
C TYR A 425 4.74 -15.46 5.36
N MET A 426 6.04 -15.60 5.16
CA MET A 426 6.90 -14.43 5.01
C MET A 426 7.80 -14.59 3.80
N TYR A 427 8.14 -13.47 3.17
CA TYR A 427 9.13 -13.53 2.11
C TYR A 427 10.08 -12.34 2.19
N GLU A 428 11.25 -12.51 1.57
CA GLU A 428 12.20 -11.44 1.31
C GLU A 428 12.55 -11.47 -0.17
N PHE A 429 12.25 -10.38 -0.88
CA PHE A 429 12.35 -10.30 -2.34
C PHE A 429 13.64 -9.59 -2.73
N GLN A 430 14.43 -10.23 -3.58
CA GLN A 430 15.75 -9.70 -3.96
C GLN A 430 15.91 -9.83 -5.46
N TYR A 431 15.63 -8.75 -6.19
CA TYR A 431 15.80 -8.75 -7.64
C TYR A 431 15.85 -7.32 -8.10
N ARG A 432 16.58 -7.08 -9.19
CA ARG A 432 16.59 -5.75 -9.78
C ARG A 432 15.87 -5.81 -11.13
N PRO A 433 14.65 -5.30 -11.23
CA PRO A 433 13.91 -5.42 -12.50
C PRO A 433 14.56 -4.59 -13.59
N SER A 434 14.48 -5.10 -14.83
CA SER A 434 14.91 -4.31 -15.97
C SER A 434 14.05 -3.06 -16.15
N PHE A 435 12.85 -3.05 -15.56
CA PHE A 435 11.93 -1.93 -15.62
C PHE A 435 12.29 -0.80 -14.66
N SER A 436 13.38 -0.95 -13.92
CA SER A 436 13.86 0.08 -13.01
C SER A 436 14.12 1.38 -13.76
N SER A 437 13.92 2.50 -13.06
CA SER A 437 14.28 3.80 -13.60
C SER A 437 15.74 3.83 -14.01
N ASP A 438 16.04 4.52 -15.12
CA ASP A 438 17.43 4.70 -15.53
C ASP A 438 18.21 5.57 -14.55
N MET A 439 17.52 6.31 -13.69
CA MET A 439 18.16 7.11 -12.66
C MET A 439 18.62 6.28 -11.46
N LYS A 440 18.24 5.01 -11.40
CA LYS A 440 18.50 4.16 -10.23
C LYS A 440 19.85 3.48 -10.37
N PRO A 441 20.73 3.57 -9.36
CA PRO A 441 22.04 2.92 -9.45
C PRO A 441 21.90 1.42 -9.72
N LYS A 442 22.84 0.89 -10.50
CA LYS A 442 22.77 -0.52 -10.87
C LYS A 442 22.98 -1.44 -9.66
N THR A 443 23.54 -0.92 -8.57
CA THR A 443 23.81 -1.72 -7.38
C THR A 443 22.60 -1.85 -6.45
N VAL A 444 21.54 -1.09 -6.67
CA VAL A 444 20.36 -1.19 -5.82
C VAL A 444 19.53 -2.39 -6.29
N ILE A 445 19.30 -3.34 -5.38
CA ILE A 445 18.62 -4.58 -5.70
C ILE A 445 17.54 -4.85 -4.65
N GLY A 446 16.33 -5.16 -5.10
CA GLY A 446 15.24 -5.28 -4.15
C GLY A 446 14.87 -3.95 -3.50
N ASP A 447 14.85 -2.88 -4.28
CA ASP A 447 14.34 -1.59 -3.83
C ASP A 447 12.85 -1.71 -3.51
N HIS A 448 12.36 -0.76 -2.71
CA HIS A 448 10.93 -0.63 -2.48
C HIS A 448 10.18 -0.64 -3.80
N GLY A 449 9.19 -1.53 -3.90
CA GLY A 449 8.35 -1.63 -5.09
C GLY A 449 8.84 -2.59 -6.15
N ASP A 450 10.04 -3.16 -6.00
CA ASP A 450 10.59 -3.98 -7.08
C ASP A 450 9.78 -5.26 -7.30
N GLU A 451 9.09 -5.76 -6.27
CA GLU A 451 8.33 -6.98 -6.50
C GLU A 451 7.07 -6.74 -7.33
N LEU A 452 6.61 -5.48 -7.43
CA LEU A 452 5.36 -5.19 -8.12
C LEU A 452 5.40 -5.71 -9.56
N PHE A 453 6.54 -5.51 -10.23
CA PHE A 453 6.71 -5.93 -11.61
C PHE A 453 6.52 -7.43 -11.77
N SER A 454 6.93 -8.22 -10.77
CA SER A 454 6.68 -9.66 -10.84
C SER A 454 5.22 -9.98 -10.50
N VAL A 455 4.68 -9.33 -9.48
CA VAL A 455 3.33 -9.65 -9.00
C VAL A 455 2.31 -9.37 -10.10
N PHE A 456 2.51 -8.28 -10.84
CA PHE A 456 1.55 -7.82 -11.82
C PHE A 456 1.95 -8.18 -13.24
N GLY A 457 2.97 -9.01 -13.40
CA GLY A 457 3.26 -9.58 -14.73
C GLY A 457 3.73 -8.57 -15.75
N ALA A 458 4.47 -7.57 -15.30
CA ALA A 458 5.04 -6.59 -16.22
C ALA A 458 5.84 -7.21 -17.37
N PRO A 459 6.57 -8.32 -17.19
CA PRO A 459 7.29 -8.91 -18.34
C PRO A 459 6.40 -9.34 -19.49
N PHE A 460 5.09 -9.49 -19.25
CA PHE A 460 4.13 -9.86 -20.27
C PHE A 460 3.43 -8.66 -20.89
N LEU A 461 3.70 -7.45 -20.40
CA LEU A 461 3.07 -6.22 -20.86
C LEU A 461 4.07 -5.17 -21.34
N LYS A 462 5.18 -5.00 -20.64
CA LYS A 462 6.23 -4.08 -21.07
C LYS A 462 7.25 -4.83 -21.92
N GLU A 463 8.10 -4.08 -22.62
CA GLU A 463 9.11 -4.68 -23.49
C GLU A 463 10.40 -4.95 -22.73
N GLY A 464 11.12 -5.98 -23.19
CA GLY A 464 12.53 -6.12 -22.87
C GLY A 464 12.89 -6.89 -21.63
N ALA A 465 11.97 -7.68 -21.07
CA ALA A 465 12.31 -8.52 -19.94
C ALA A 465 13.20 -9.66 -20.39
N SER A 466 14.23 -9.95 -19.59
CA SER A 466 15.04 -11.13 -19.83
C SER A 466 14.20 -12.37 -19.57
N GLU A 467 14.74 -13.51 -19.96
CA GLU A 467 14.01 -14.75 -19.74
C GLU A 467 13.95 -15.12 -18.26
N GLU A 468 14.99 -14.79 -17.50
CA GLU A 468 14.97 -14.99 -16.06
C GLU A 468 13.84 -14.17 -15.42
N GLU A 469 13.65 -12.94 -15.88
CA GLU A 469 12.63 -12.06 -15.32
C GLU A 469 11.22 -12.56 -15.62
N ILE A 470 11.03 -13.13 -16.82
CA ILE A 470 9.75 -13.75 -17.17
C ILE A 470 9.48 -14.94 -16.26
N ARG A 471 10.47 -15.82 -16.10
CA ARG A 471 10.30 -16.96 -15.19
C ARG A 471 9.97 -16.51 -13.77
N LEU A 472 10.65 -15.46 -13.29
CA LEU A 472 10.39 -14.98 -11.95
C LEU A 472 8.95 -14.51 -11.82
N SER A 473 8.46 -13.76 -12.82
CA SER A 473 7.09 -13.27 -12.73
C SER A 473 6.09 -14.43 -12.72
N LYS A 474 6.27 -15.43 -13.60
CA LYS A 474 5.31 -16.54 -13.56
C LYS A 474 5.31 -17.21 -12.21
N MET A 475 6.49 -17.38 -11.60
CA MET A 475 6.50 -18.07 -10.32
C MET A 475 5.82 -17.23 -9.25
N VAL A 476 6.09 -15.92 -9.21
CA VAL A 476 5.52 -15.06 -8.18
C VAL A 476 4.00 -14.98 -8.36
N MET A 477 3.52 -14.84 -9.57
CA MET A 477 2.09 -14.75 -9.81
C MET A 477 1.42 -16.05 -9.30
N LYS A 478 2.04 -17.18 -9.61
CA LYS A 478 1.46 -18.46 -9.15
C LYS A 478 1.42 -18.61 -7.65
N PHE A 479 2.48 -18.20 -6.98
CA PHE A 479 2.46 -18.24 -5.55
C PHE A 479 1.32 -17.36 -5.03
N TRP A 480 1.24 -16.17 -5.57
CA TRP A 480 0.22 -15.24 -5.06
C TRP A 480 -1.18 -15.80 -5.28
N ALA A 481 -1.45 -16.32 -6.49
CA ALA A 481 -2.79 -16.82 -6.78
C ALA A 481 -3.06 -18.16 -6.11
N ASN A 482 -2.04 -19.00 -5.90
CA ASN A 482 -2.22 -20.18 -5.05
C ASN A 482 -2.62 -19.75 -3.65
N PHE A 483 -1.99 -18.69 -3.13
CA PHE A 483 -2.36 -18.20 -1.81
C PHE A 483 -3.81 -17.70 -1.80
N ALA A 484 -4.21 -17.00 -2.87
CA ALA A 484 -5.60 -16.55 -2.98
C ALA A 484 -6.56 -17.74 -3.01
N ARG A 485 -6.22 -18.78 -3.77
CA ARG A 485 -7.07 -19.97 -3.84
C ARG A 485 -7.16 -20.68 -2.49
N ASN A 486 -6.01 -20.93 -1.84
CA ASN A 486 -5.91 -21.91 -0.77
C ASN A 486 -5.39 -21.40 0.56
N GLY A 487 -4.97 -20.14 0.66
CA GLY A 487 -4.36 -19.71 1.91
C GLY A 487 -3.01 -20.33 2.18
N ASN A 488 -2.37 -20.84 1.13
CA ASN A 488 -1.10 -21.56 1.13
C ASN A 488 -0.54 -21.37 -0.27
N PRO A 489 0.65 -20.77 -0.42
CA PRO A 489 1.15 -20.46 -1.78
C PRO A 489 1.69 -21.68 -2.53
N ASN A 490 1.82 -22.85 -1.91
CA ASN A 490 2.57 -23.94 -2.50
C ASN A 490 1.80 -24.64 -3.62
N GLY A 491 2.54 -25.31 -4.49
CA GLY A 491 1.92 -26.05 -5.58
C GLY A 491 2.95 -26.77 -6.43
N GLU A 492 2.43 -27.57 -7.36
CA GLU A 492 3.25 -28.31 -8.33
C GLU A 492 4.24 -27.39 -9.04
N GLY A 493 5.51 -27.81 -9.03
CA GLY A 493 6.53 -27.13 -9.80
C GLY A 493 7.06 -25.85 -9.19
N LEU A 494 6.70 -25.54 -7.97
CA LEU A 494 7.14 -24.34 -7.28
C LEU A 494 8.06 -24.72 -6.13
N PRO A 495 9.06 -23.89 -5.85
CA PRO A 495 9.89 -24.12 -4.66
C PRO A 495 9.04 -24.16 -3.40
N HIS A 496 9.45 -25.01 -2.45
CA HIS A 496 8.69 -25.15 -1.23
C HIS A 496 8.78 -23.88 -0.38
N TRP A 497 7.62 -23.40 0.05
CA TRP A 497 7.53 -22.21 0.87
C TRP A 497 7.00 -22.63 2.23
N PRO A 498 7.85 -22.67 3.26
CA PRO A 498 7.39 -23.15 4.56
C PRO A 498 6.49 -22.13 5.25
N GLU A 499 5.58 -22.63 6.08
CA GLU A 499 4.80 -21.75 6.92
C GLU A 499 5.72 -21.03 7.90
N TYR A 500 5.41 -19.76 8.19
CA TYR A 500 6.13 -19.02 9.21
C TYR A 500 5.62 -19.49 10.57
N ASN A 501 6.27 -20.52 11.12
CA ASN A 501 5.88 -21.07 12.40
C ASN A 501 6.96 -20.76 13.44
N GLN A 502 7.06 -21.59 14.48
CA GLN A 502 8.05 -21.30 15.51
C GLN A 502 9.48 -21.35 14.97
N LYS A 503 9.71 -22.07 13.86
CA LYS A 503 11.01 -22.08 13.20
C LYS A 503 11.25 -20.86 12.33
N GLU A 504 10.19 -20.10 12.02
CA GLU A 504 10.31 -18.84 11.28
C GLU A 504 10.89 -19.05 9.89
N GLY A 505 10.44 -20.10 9.22
CA GLY A 505 10.74 -20.27 7.81
C GLY A 505 10.15 -19.13 6.98
N TYR A 506 10.89 -18.75 5.95
CA TYR A 506 10.43 -17.74 5.00
C TYR A 506 11.05 -18.06 3.65
N LEU A 507 10.53 -17.45 2.60
CA LEU A 507 10.99 -17.71 1.26
C LEU A 507 11.87 -16.54 0.78
N GLN A 508 13.10 -16.85 0.36
CA GLN A 508 13.94 -15.89 -0.35
C GLN A 508 13.57 -15.99 -1.82
N ILE A 509 12.96 -14.91 -2.34
CA ILE A 509 12.44 -14.87 -3.71
C ILE A 509 13.40 -14.08 -4.58
N GLY A 510 13.82 -14.66 -5.70
CA GLY A 510 14.71 -13.97 -6.61
C GLY A 510 15.14 -14.90 -7.72
N ALA A 511 16.25 -14.54 -8.38
CA ALA A 511 16.82 -15.41 -9.41
C ALA A 511 17.01 -16.83 -8.90
N ASN A 512 17.57 -16.98 -7.69
CA ASN A 512 17.43 -18.21 -6.93
C ASN A 512 16.42 -18.03 -5.82
N THR A 513 15.45 -18.94 -5.75
CA THR A 513 14.38 -18.88 -4.78
C THR A 513 14.48 -20.12 -3.92
N GLN A 514 14.59 -19.92 -2.62
CA GLN A 514 14.69 -21.01 -1.70
C GLN A 514 14.30 -20.60 -0.28
N ALA A 515 13.87 -21.59 0.49
CA ALA A 515 13.49 -21.35 1.86
C ALA A 515 14.65 -21.03 2.77
N ALA A 516 14.38 -20.26 3.80
CA ALA A 516 15.38 -19.85 4.78
C ALA A 516 14.68 -19.67 6.12
N GLN A 517 15.44 -19.45 7.17
CA GLN A 517 14.85 -19.31 8.47
C GLN A 517 15.27 -18.05 9.25
N LYS A 518 14.43 -17.63 10.17
CA LYS A 518 14.71 -16.47 11.02
C LYS A 518 14.98 -15.08 10.45
N LEU A 519 14.11 -14.64 9.57
CA LEU A 519 14.32 -13.34 9.01
C LEU A 519 14.35 -12.20 10.03
N LYS A 520 15.38 -11.37 9.96
CA LYS A 520 15.53 -10.17 10.82
C LYS A 520 15.55 -10.49 12.33
N ASP A 521 15.87 -11.71 12.70
CA ASP A 521 15.84 -12.08 14.12
C ASP A 521 16.70 -11.15 15.03
N LYS A 522 17.97 -10.98 14.67
CA LYS A 522 18.85 -10.14 15.46
C LYS A 522 18.42 -8.67 15.48
N GLU A 523 17.94 -8.19 14.35
CA GLU A 523 17.48 -6.82 14.24
C GLU A 523 16.26 -6.58 15.08
N VAL A 524 15.33 -7.52 15.04
CA VAL A 524 14.16 -7.38 15.91
C VAL A 524 14.60 -7.30 17.37
N ALA A 525 15.51 -8.19 17.78
CA ALA A 525 15.97 -8.13 19.18
C ALA A 525 16.61 -6.79 19.50
N PHE A 526 17.51 -6.32 18.62
CA PHE A 526 18.18 -5.04 18.85
C PHE A 526 17.18 -3.89 18.99
N TRP A 527 16.28 -3.74 18.01
CA TRP A 527 15.40 -2.58 18.01
C TRP A 527 14.34 -2.67 19.09
N THR A 528 13.87 -3.88 19.42
CA THR A 528 12.91 -4.00 20.50
C THR A 528 13.54 -3.57 21.82
N ASN A 529 14.77 -4.02 22.06
CA ASN A 529 15.49 -3.60 23.27
C ASN A 529 15.70 -2.08 23.29
N LEU A 530 16.12 -1.51 22.17
CA LEU A 530 16.40 -0.08 22.13
C LEU A 530 15.12 0.73 22.36
N PHE A 531 14.03 0.35 21.68
CA PHE A 531 12.79 1.11 21.83
C PHE A 531 12.14 0.88 23.19
N ALA A 532 12.53 -0.17 23.91
CA ALA A 532 12.06 -0.32 25.29
C ALA A 532 12.70 0.72 26.20
N LYS A 533 13.80 1.34 25.76
CA LYS A 533 14.40 2.52 26.37
C LYS A 533 15.11 2.19 27.67
#